data_3QFK
#
_entry.id   3QFK
#
_cell.length_a   90.444
_cell.length_b   84.689
_cell.length_c   95.966
_cell.angle_alpha   90.00
_cell.angle_beta   116.91
_cell.angle_gamma   90.00
#
_symmetry.space_group_name_H-M   'C 1 2 1'
#
loop_
_entity.id
_entity.type
_entity.pdbx_description
1 polymer 'Uncharacterized protein'
2 non-polymer 'ZINC ION'
3 non-polymer 'MANGANESE (II) ION'
4 non-polymer '2-OXOGLUTARIC ACID'
5 non-polymer DI(HYDROXYETHYL)ETHER
6 non-polymer 1,2-ETHANEDIOL
7 water water
#
_entity_poly.entity_id   1
_entity_poly.type   'polypeptide(L)'
_entity_poly.pdbx_seq_one_letter_code
;(MSE)GSSHHHYHHENLYFQGSNIAFYVVSDVHGYIFPTDFTSRNQYQP(MSE)GLLLANHVIEQDRRQYDQSFKIDNGD
FLQGSPFCNYLIAHSGSSQPLVDFYNR(MSE)AFDFGTLGNHEFNYGLPYLKDTLRRLNYPVLCANIYENDSTLTDNGVK
YFQVGDQTVGVIGLTTQFIPHWEQPEHIQSLTFHSAFEILQQYLPE(MSE)KRHADIIVVCYHGGFEKDLESGTPTEVLT
GENEGYA(MSE)LEAFSKDIDIFITGHQHRQIAERFKQTAVIQPGTRGTTVGRVVLSTDEYENLSVESCELLPVIDDSTF
TIDEDDQHLRKQLEDWLDYEITTLPYD(MSE)TINHAFEARVAPHPFTNF(MSE)NYALLEKSDADVACTALFDSASGFK
QVVT(MSE)RDVINNYPFPNTFKVLAVSGAKLKEAIERSAEYFDVKNDEVSVSADFLEPKPQHFNYDIYGGVSYTIHVGR
PKGQRVSN(MSE)(MSE)IQGHAVDLKQTYTICVNNYRAVGGGQYD(MSE)YIDAPVVKDIQVEGAQLLIDFLSNNNL
(MSE)RIPQVVDFKVEK
;
_entity_poly.pdbx_strand_id   A
#
# COMPACT_ATOMS: atom_id res chain seq x y z
N SER A 18 -17.42 23.18 -25.65
CA SER A 18 -16.05 22.57 -25.66
C SER A 18 -15.74 21.80 -24.35
N ASN A 19 -14.88 20.80 -24.42
CA ASN A 19 -14.60 19.99 -23.22
C ASN A 19 -13.20 19.39 -23.08
N ILE A 20 -12.92 18.86 -21.90
CA ILE A 20 -11.64 18.22 -21.59
C ILE A 20 -11.88 17.11 -20.59
N ALA A 21 -11.25 15.96 -20.85
CA ALA A 21 -11.39 14.83 -19.95
C ALA A 21 -10.08 14.53 -19.26
N PHE A 22 -10.17 14.22 -17.98
CA PHE A 22 -9.04 13.82 -17.17
C PHE A 22 -9.23 12.38 -16.78
N TYR A 23 -8.28 11.53 -17.16
CA TYR A 23 -8.33 10.15 -16.81
C TYR A 23 -7.27 9.86 -15.77
N VAL A 24 -7.62 9.08 -14.75
CA VAL A 24 -6.66 8.80 -13.71
C VAL A 24 -6.66 7.36 -13.25
N VAL A 25 -5.44 6.82 -13.12
CA VAL A 25 -5.24 5.52 -12.54
C VAL A 25 -4.43 5.78 -11.28
N SER A 26 -4.61 4.92 -10.30
CA SER A 26 -3.88 5.05 -9.06
C SER A 26 -3.60 3.70 -8.48
N ASP A 27 -2.54 3.62 -7.71
CA ASP A 27 -2.18 2.40 -7.04
C ASP A 27 -2.18 1.17 -7.94
N VAL A 28 -1.60 1.32 -9.12
CA VAL A 28 -1.47 0.25 -10.07
C VAL A 28 -0.59 -0.86 -9.51
N HIS A 29 0.41 -0.46 -8.75
CA HIS A 29 1.26 -1.39 -8.02
C HIS A 29 2.02 -2.44 -8.87
N GLY A 30 2.37 -2.08 -10.09
CA GLY A 30 3.08 -3.00 -10.99
C GLY A 30 2.19 -4.10 -11.56
N TYR A 31 0.88 -3.96 -11.40
CA TYR A 31 -0.04 -4.89 -12.03
C TYR A 31 -0.30 -4.37 -13.47
N ILE A 32 0.58 -4.77 -14.36
CA ILE A 32 0.54 -4.39 -15.80
C ILE A 32 -0.31 -5.37 -16.61
N PHE A 33 0.01 -6.65 -16.45
CA PHE A 33 -0.72 -7.73 -17.15
C PHE A 33 -2.06 -7.99 -16.52
N PRO A 34 -2.98 -8.63 -17.26
CA PRO A 34 -4.33 -8.86 -16.75
C PRO A 34 -4.43 -10.06 -15.78
N THR A 35 -3.70 -9.98 -14.68
CA THR A 35 -3.68 -11.12 -13.74
C THR A 35 -3.22 -10.68 -12.38
N ASP A 36 -3.60 -11.43 -11.34
CA ASP A 36 -3.12 -11.15 -10.00
C ASP A 36 -2.10 -12.22 -9.62
N PHE A 37 -1.75 -13.08 -10.58
CA PHE A 37 -0.70 -14.10 -10.42
C PHE A 37 -0.99 -15.25 -9.45
N THR A 38 -2.26 -15.44 -9.09
CA THR A 38 -2.62 -16.54 -8.22
C THR A 38 -2.36 -17.89 -8.95
N SER A 39 -2.45 -17.90 -10.27
CA SER A 39 -2.15 -19.08 -11.09
C SER A 39 -1.61 -18.62 -12.46
N ARG A 40 -0.83 -19.47 -13.09
CA ARG A 40 -0.14 -19.19 -14.36
C ARG A 40 -0.97 -18.66 -15.53
N ASN A 41 -2.12 -19.26 -15.80
CA ASN A 41 -2.94 -18.88 -16.97
C ASN A 41 -4.03 -17.90 -16.64
N GLN A 42 -4.01 -17.38 -15.44
CA GLN A 42 -5.05 -16.45 -15.07
C GLN A 42 -5.16 -15.25 -16.02
N TYR A 43 -6.40 -14.85 -16.23
CA TYR A 43 -6.67 -13.69 -17.00
C TYR A 43 -7.89 -13.06 -16.32
N GLN A 44 -7.80 -11.78 -15.96
CA GLN A 44 -8.97 -11.10 -15.40
C GLN A 44 -8.95 -9.61 -15.79
N PRO A 45 -10.13 -8.96 -15.84
CA PRO A 45 -10.24 -7.59 -16.30
C PRO A 45 -9.59 -6.56 -15.34
N GLY A 47 -5.38 -4.52 -14.47
CA GLY A 47 -4.04 -4.21 -14.90
C GLY A 47 -3.98 -3.03 -15.83
N LEU A 48 -2.80 -2.46 -15.95
CA LEU A 48 -2.58 -1.23 -16.71
C LEU A 48 -2.77 -1.39 -18.22
N LEU A 49 -2.34 -2.51 -18.79
CA LEU A 49 -2.55 -2.70 -20.22
C LEU A 49 -4.02 -2.57 -20.57
N LEU A 50 -4.87 -3.22 -19.78
N LEU A 50 -4.88 -3.28 -19.83
CA LEU A 50 -6.28 -3.21 -20.06
CA LEU A 50 -6.33 -3.21 -20.07
C LEU A 50 -6.90 -1.87 -19.65
C LEU A 50 -6.92 -1.87 -19.66
N ALA A 51 -6.50 -1.33 -18.52
CA ALA A 51 -7.03 -0.02 -18.08
C ALA A 51 -6.67 1.07 -19.15
N ASN A 52 -5.47 1.01 -19.71
CA ASN A 52 -5.03 1.99 -20.70
C ASN A 52 -5.84 1.83 -22.00
N HIS A 53 -6.16 0.59 -22.36
CA HIS A 53 -6.97 0.33 -23.55
C HIS A 53 -8.36 0.97 -23.39
N VAL A 54 -8.93 0.86 -22.19
CA VAL A 54 -10.23 1.50 -21.88
C VAL A 54 -10.15 3.02 -22.08
N ILE A 55 -9.06 3.61 -21.60
CA ILE A 55 -8.86 5.06 -21.72
C ILE A 55 -8.70 5.49 -23.20
N GLU A 56 -7.85 4.79 -23.95
CA GLU A 56 -7.61 5.16 -25.35
C GLU A 56 -8.89 5.12 -26.16
N GLN A 57 -9.72 4.10 -25.93
CA GLN A 57 -10.97 4.01 -26.65
C GLN A 57 -11.96 5.11 -26.22
N ASP A 58 -11.98 5.43 -24.94
CA ASP A 58 -12.95 6.41 -24.42
C ASP A 58 -12.59 7.88 -24.67
N ARG A 59 -11.30 8.19 -24.75
CA ARG A 59 -10.88 9.57 -24.86
C ARG A 59 -11.14 10.20 -26.22
N ARG A 60 -11.29 9.40 -27.26
N ARG A 60 -11.28 9.39 -27.26
CA ARG A 60 -11.53 9.92 -28.62
CA ARG A 60 -11.54 9.89 -28.62
C ARG A 60 -12.77 10.81 -28.74
C ARG A 60 -12.76 10.80 -28.73
N GLN A 61 -13.74 10.62 -27.87
CA GLN A 61 -14.95 11.44 -27.92
C GLN A 61 -14.75 12.88 -27.40
N TYR A 62 -13.70 13.13 -26.63
CA TYR A 62 -13.50 14.48 -26.06
C TYR A 62 -12.58 15.34 -26.92
N ASP A 63 -12.70 16.65 -26.80
CA ASP A 63 -11.89 17.61 -27.58
C ASP A 63 -10.43 17.46 -27.23
N GLN A 64 -10.18 17.25 -25.94
CA GLN A 64 -8.83 17.04 -25.46
C GLN A 64 -8.88 16.27 -24.16
N SER A 65 -7.76 15.65 -23.79
CA SER A 65 -7.75 14.87 -22.59
C SER A 65 -6.37 14.67 -22.04
N PHE A 66 -6.32 14.42 -20.73
CA PHE A 66 -5.09 14.20 -19.97
C PHE A 66 -5.15 12.86 -19.26
N LYS A 67 -3.97 12.23 -19.13
CA LYS A 67 -3.82 10.91 -18.54
C LYS A 67 -2.84 11.07 -17.35
N ILE A 68 -3.29 10.62 -16.18
CA ILE A 68 -2.58 10.80 -14.92
C ILE A 68 -2.42 9.54 -14.10
N ASP A 69 -1.22 9.31 -13.54
CA ASP A 69 -1.00 8.18 -12.63
C ASP A 69 -0.80 8.77 -11.22
N ASN A 70 -1.56 8.31 -10.25
CA ASN A 70 -1.54 8.93 -8.91
C ASN A 70 -0.74 8.22 -7.81
N GLY A 71 0.36 7.56 -8.17
CA GLY A 71 1.25 6.97 -7.16
C GLY A 71 1.10 5.49 -6.85
N ASP A 72 2.09 4.95 -6.14
CA ASP A 72 2.14 3.52 -5.84
C ASP A 72 2.19 2.71 -7.14
N PHE A 73 3.13 3.08 -8.01
CA PHE A 73 3.30 2.43 -9.30
C PHE A 73 4.58 1.57 -9.39
N LEU A 74 5.50 1.75 -8.46
CA LEU A 74 6.81 1.12 -8.55
C LEU A 74 7.02 -0.19 -7.79
N GLN A 75 6.07 -0.54 -6.92
CA GLN A 75 6.14 -1.74 -6.09
C GLN A 75 4.77 -2.34 -5.86
N GLY A 76 4.73 -3.65 -5.64
CA GLY A 76 3.51 -4.33 -5.28
C GLY A 76 3.32 -5.72 -5.84
N SER A 77 3.43 -5.86 -7.15
CA SER A 77 3.16 -7.12 -7.77
C SER A 77 4.38 -7.99 -7.87
N PRO A 78 4.16 -9.28 -8.17
CA PRO A 78 5.25 -10.21 -8.40
C PRO A 78 6.12 -9.75 -9.58
N PHE A 79 5.58 -8.97 -10.52
CA PHE A 79 6.39 -8.43 -11.60
C PHE A 79 7.53 -7.53 -11.03
N CYS A 80 7.20 -6.69 -10.06
CA CYS A 80 8.19 -5.87 -9.38
C CYS A 80 9.22 -6.75 -8.67
N ASN A 81 8.78 -7.84 -8.00
CA ASN A 81 9.73 -8.76 -7.35
C ASN A 81 10.71 -9.33 -8.40
N TYR A 82 10.16 -9.74 -9.55
CA TYR A 82 10.95 -10.28 -10.66
C TYR A 82 12.03 -9.29 -11.17
N LEU A 83 11.67 -8.03 -11.35
CA LEU A 83 12.63 -7.01 -11.81
C LEU A 83 13.77 -6.80 -10.85
N ILE A 84 13.46 -6.71 -9.55
CA ILE A 84 14.49 -6.53 -8.55
C ILE A 84 15.42 -7.75 -8.54
N ALA A 85 14.85 -8.94 -8.74
CA ALA A 85 15.65 -10.17 -8.71
C ALA A 85 16.41 -10.43 -10.02
N HIS A 86 16.15 -9.67 -11.07
CA HIS A 86 16.86 -9.85 -12.34
C HIS A 86 17.71 -8.63 -12.70
N SER A 87 17.20 -7.72 -13.51
CA SER A 87 17.97 -6.52 -13.90
C SER A 87 18.35 -5.62 -12.70
N GLY A 88 17.47 -5.56 -11.71
CA GLY A 88 17.66 -4.68 -10.58
C GLY A 88 17.18 -3.29 -10.98
N SER A 89 16.73 -3.15 -12.23
CA SER A 89 16.27 -1.87 -12.79
C SER A 89 14.78 -1.83 -13.03
N SER A 90 14.21 -0.64 -12.92
CA SER A 90 12.81 -0.43 -13.16
C SER A 90 12.49 -0.24 -14.67
N GLN A 91 13.50 -0.29 -15.53
CA GLN A 91 13.30 -0.02 -16.98
C GLN A 91 12.15 -0.82 -17.62
N PRO A 92 12.10 -2.17 -17.41
CA PRO A 92 10.99 -2.88 -18.06
C PRO A 92 9.59 -2.37 -17.64
N LEU A 93 9.44 -1.87 -16.42
CA LEU A 93 8.18 -1.32 -15.95
C LEU A 93 7.95 0.09 -16.53
N VAL A 94 9.01 0.88 -16.47
CA VAL A 94 9.01 2.21 -17.02
C VAL A 94 8.65 2.18 -18.52
N ASP A 95 9.15 1.18 -19.25
CA ASP A 95 8.82 1.05 -20.69
C ASP A 95 7.31 1.04 -20.91
N PHE A 96 6.55 0.30 -20.09
CA PHE A 96 5.08 0.27 -20.25
C PHE A 96 4.52 1.65 -20.06
N TYR A 97 4.94 2.31 -18.99
CA TYR A 97 4.46 3.65 -18.74
C TYR A 97 4.85 4.63 -19.86
N ASN A 98 6.08 4.53 -20.34
CA ASN A 98 6.53 5.45 -21.39
C ASN A 98 5.79 5.33 -22.73
N ARG A 99 5.37 4.13 -23.12
N ARG A 99 5.37 4.11 -23.06
CA ARG A 99 4.65 4.03 -24.40
CA ARG A 99 4.64 3.85 -24.29
C ARG A 99 3.20 4.46 -24.32
C ARG A 99 3.21 4.37 -24.29
N ALA A 101 2.14 7.45 -22.97
CA ALA A 101 2.03 8.89 -23.06
C ALA A 101 1.20 9.56 -21.97
N PHE A 102 1.65 9.39 -20.73
CA PHE A 102 1.04 10.03 -19.59
C PHE A 102 1.48 11.48 -19.62
N ASP A 103 0.66 12.35 -19.04
CA ASP A 103 0.96 13.76 -18.92
C ASP A 103 1.68 14.05 -17.61
N PHE A 104 1.27 13.40 -16.52
CA PHE A 104 1.96 13.58 -15.25
C PHE A 104 1.47 12.60 -14.20
N GLY A 105 2.23 12.50 -13.12
CA GLY A 105 1.87 11.64 -12.02
C GLY A 105 2.34 12.21 -10.71
N THR A 106 2.12 11.43 -9.65
CA THR A 106 2.52 11.77 -8.31
C THR A 106 3.29 10.59 -7.67
N LEU A 107 3.87 10.86 -6.51
CA LEU A 107 4.59 9.87 -5.76
C LEU A 107 3.72 9.27 -4.70
N GLY A 108 3.70 7.95 -4.63
CA GLY A 108 3.01 7.26 -3.54
C GLY A 108 4.03 6.82 -2.50
N ASN A 109 3.59 6.36 -1.32
CA ASN A 109 4.53 5.90 -0.30
C ASN A 109 5.41 4.73 -0.77
N HIS A 110 4.86 3.85 -1.59
CA HIS A 110 5.62 2.70 -2.06
C HIS A 110 6.76 3.00 -3.04
N GLU A 111 6.81 4.22 -3.59
CA GLU A 111 7.93 4.59 -4.47
C GLU A 111 9.30 4.67 -3.74
N PHE A 112 9.28 4.66 -2.41
CA PHE A 112 10.51 4.72 -1.59
C PHE A 112 10.99 3.33 -1.06
N ASN A 113 10.18 2.29 -1.29
CA ASN A 113 10.47 0.94 -0.79
C ASN A 113 11.85 0.37 -1.17
N TYR A 114 12.46 0.82 -2.26
CA TYR A 114 13.76 0.27 -2.67
C TYR A 114 14.88 1.29 -2.54
N GLY A 115 14.63 2.39 -1.87
CA GLY A 115 15.64 3.40 -1.67
C GLY A 115 15.53 4.58 -2.62
N LEU A 116 16.15 5.67 -2.21
CA LEU A 116 16.10 6.92 -2.96
C LEU A 116 16.85 6.86 -4.32
N PRO A 117 18.03 6.20 -4.37
CA PRO A 117 18.69 6.13 -5.70
C PRO A 117 17.86 5.38 -6.76
N TYR A 118 17.16 4.32 -6.37
CA TYR A 118 16.34 3.56 -7.31
C TYR A 118 15.15 4.43 -7.77
N LEU A 119 14.57 5.20 -6.85
CA LEU A 119 13.46 6.10 -7.20
C LEU A 119 13.95 7.22 -8.14
N LYS A 120 15.06 7.84 -7.78
CA LYS A 120 15.59 8.93 -8.60
C LYS A 120 15.87 8.45 -10.01
N ASP A 121 16.48 7.27 -10.13
CA ASP A 121 16.78 6.68 -11.42
C ASP A 121 15.50 6.47 -12.24
N THR A 122 14.45 5.98 -11.57
CA THR A 122 13.16 5.76 -12.20
C THR A 122 12.56 7.07 -12.72
N LEU A 123 12.59 8.12 -11.90
CA LEU A 123 12.03 9.40 -12.34
C LEU A 123 12.76 9.96 -13.58
N ARG A 124 14.06 9.72 -13.66
N ARG A 124 14.07 9.75 -13.66
CA ARG A 124 14.87 10.18 -14.79
CA ARG A 124 14.85 10.22 -14.81
C ARG A 124 14.51 9.46 -16.07
C ARG A 124 14.50 9.46 -16.09
N ARG A 125 14.07 8.21 -15.94
CA ARG A 125 13.72 7.36 -17.07
C ARG A 125 12.30 7.56 -17.59
N LEU A 126 11.41 8.10 -16.77
CA LEU A 126 10.03 8.35 -17.20
C LEU A 126 10.01 9.54 -18.16
N ASN A 127 9.15 9.49 -19.16
CA ASN A 127 9.06 10.57 -20.13
C ASN A 127 7.94 11.59 -19.83
N TYR A 128 7.54 11.67 -18.56
CA TYR A 128 6.57 12.67 -18.08
C TYR A 128 6.96 13.09 -16.66
N PRO A 129 6.47 14.25 -16.21
CA PRO A 129 6.87 14.67 -14.86
C PRO A 129 6.06 14.07 -13.74
N VAL A 130 6.70 13.87 -12.60
CA VAL A 130 6.08 13.40 -11.38
C VAL A 130 6.07 14.63 -10.48
N LEU A 131 4.89 15.06 -10.07
CA LEU A 131 4.70 16.25 -9.28
C LEU A 131 4.51 15.94 -7.79
N CYS A 132 5.32 16.59 -6.95
CA CYS A 132 5.23 16.41 -5.50
C CYS A 132 5.66 17.70 -4.85
N ALA A 133 4.71 18.45 -4.30
CA ALA A 133 5.02 19.74 -3.71
C ALA A 133 5.38 19.67 -2.23
N ASN A 134 5.13 18.54 -1.56
CA ASN A 134 5.37 18.50 -0.12
C ASN A 134 6.49 17.61 0.43
N ILE A 135 7.32 17.05 -0.43
CA ILE A 135 8.45 16.24 0.03
C ILE A 135 9.69 16.95 -0.43
N TYR A 136 10.53 17.31 0.55
CA TYR A 136 11.77 18.04 0.31
C TYR A 136 13.02 17.21 0.51
N GLU A 137 14.00 17.44 -0.35
CA GLU A 137 15.30 16.84 -0.20
C GLU A 137 16.21 18.03 -0.01
N ASN A 138 16.73 18.17 1.20
CA ASN A 138 17.55 19.32 1.57
C ASN A 138 16.63 20.55 1.51
N ASP A 139 17.00 21.56 0.72
CA ASP A 139 16.28 22.83 0.64
C ASP A 139 15.28 22.99 -0.50
N SER A 140 15.10 21.96 -1.32
CA SER A 140 14.13 22.05 -2.39
C SER A 140 13.35 20.74 -2.50
N THR A 141 12.29 20.76 -3.30
CA THR A 141 11.48 19.58 -3.50
C THR A 141 12.30 18.46 -4.08
N LEU A 142 12.00 17.23 -3.66
CA LEU A 142 12.66 16.04 -4.18
C LEU A 142 12.50 15.99 -5.70
N THR A 143 11.27 16.20 -6.18
CA THR A 143 11.01 16.19 -7.62
C THR A 143 11.32 17.58 -8.19
N ASP A 144 11.55 17.66 -9.48
CA ASP A 144 11.85 18.93 -10.12
C ASP A 144 10.75 19.97 -9.87
N ASN A 145 9.50 19.54 -9.93
CA ASN A 145 8.36 20.44 -9.76
C ASN A 145 7.24 19.87 -8.90
N GLY A 146 6.44 20.77 -8.33
CA GLY A 146 5.30 20.42 -7.51
C GLY A 146 3.98 20.84 -8.14
N VAL A 147 4.03 21.84 -9.01
CA VAL A 147 2.86 22.36 -9.68
C VAL A 147 3.14 22.48 -11.19
N LYS A 148 2.09 22.40 -12.00
CA LYS A 148 2.20 22.49 -13.44
C LYS A 148 0.95 23.19 -13.95
N TYR A 149 1.10 24.11 -14.89
CA TYR A 149 -0.04 24.83 -15.43
C TYR A 149 -0.14 24.58 -16.93
N PHE A 150 -1.34 24.73 -17.50
CA PHE A 150 -1.52 24.60 -18.95
C PHE A 150 -2.83 25.22 -19.36
N GLN A 151 -2.97 25.51 -20.67
CA GLN A 151 -4.18 26.16 -21.19
C GLN A 151 -5.18 25.24 -21.87
N VAL A 152 -6.43 25.62 -21.73
CA VAL A 152 -7.56 24.96 -22.34
C VAL A 152 -8.39 26.12 -22.87
N GLY A 153 -8.21 26.45 -24.13
CA GLY A 153 -8.88 27.63 -24.70
C GLY A 153 -8.20 28.81 -24.04
N ASP A 154 -8.98 29.79 -23.58
CA ASP A 154 -8.41 30.94 -22.89
C ASP A 154 -8.45 30.80 -21.35
N GLN A 155 -8.54 29.55 -20.88
CA GLN A 155 -8.57 29.26 -19.45
C GLN A 155 -7.26 28.56 -19.10
N THR A 156 -6.80 28.73 -17.86
CA THR A 156 -5.59 28.05 -17.40
C THR A 156 -5.93 27.05 -16.29
N VAL A 157 -5.37 25.84 -16.41
CA VAL A 157 -5.53 24.79 -15.41
C VAL A 157 -4.24 24.69 -14.63
N GLY A 158 -4.35 24.57 -13.33
CA GLY A 158 -3.18 24.44 -12.47
C GLY A 158 -3.29 23.14 -11.71
N VAL A 159 -2.23 22.35 -11.72
CA VAL A 159 -2.23 21.07 -11.06
C VAL A 159 -1.14 21.03 -10.01
N ILE A 160 -1.50 20.58 -8.81
CA ILE A 160 -0.52 20.39 -7.73
C ILE A 160 -0.51 18.93 -7.25
N GLY A 161 0.69 18.37 -7.15
CA GLY A 161 0.90 17.00 -6.71
C GLY A 161 1.31 16.98 -5.26
N LEU A 162 0.68 16.11 -4.47
CA LEU A 162 0.96 16.01 -3.03
C LEU A 162 0.97 14.55 -2.62
N THR A 163 1.72 14.23 -1.57
CA THR A 163 1.84 12.87 -1.09
C THR A 163 1.63 12.77 0.40
N THR A 164 1.08 11.64 0.87
CA THR A 164 0.88 11.43 2.32
C THR A 164 2.19 11.70 3.09
N GLN A 165 2.09 12.47 4.16
CA GLN A 165 3.24 12.83 4.99
C GLN A 165 3.69 11.70 5.93
N PHE A 166 2.93 10.61 6.00
CA PHE A 166 3.18 9.56 6.99
C PHE A 166 4.34 8.59 6.68
N ILE A 167 5.01 8.79 5.56
CA ILE A 167 6.10 7.93 5.13
C ILE A 167 7.15 7.53 6.19
N PRO A 168 7.59 8.47 7.05
CA PRO A 168 8.57 8.09 8.08
C PRO A 168 8.06 7.03 9.09
N HIS A 169 6.75 6.82 9.14
CA HIS A 169 6.20 5.79 10.02
C HIS A 169 6.21 4.42 9.38
N TRP A 170 6.62 4.35 8.13
CA TRP A 170 6.59 3.11 7.39
C TRP A 170 7.90 2.63 6.78
N GLU A 171 8.72 3.57 6.35
CA GLU A 171 9.88 3.25 5.57
C GLU A 171 11.18 3.06 6.34
N GLN A 172 12.09 2.28 5.75
CA GLN A 172 13.43 2.08 6.31
C GLN A 172 14.13 3.45 6.39
N PRO A 173 14.62 3.82 7.58
CA PRO A 173 15.31 5.12 7.80
C PRO A 173 16.37 5.46 6.74
N GLU A 174 17.14 4.46 6.36
CA GLU A 174 18.20 4.65 5.37
C GLU A 174 17.64 5.11 4.02
N HIS A 175 16.40 4.74 3.72
CA HIS A 175 15.79 5.12 2.44
C HIS A 175 15.31 6.56 2.35
N ILE A 176 15.06 7.21 3.49
CA ILE A 176 14.53 8.58 3.50
C ILE A 176 15.30 9.60 4.37
N GLN A 177 16.53 9.28 4.77
CA GLN A 177 17.30 10.12 5.74
C GLN A 177 17.48 11.61 5.42
N SER A 178 17.54 11.96 4.14
CA SER A 178 17.74 13.34 3.74
C SER A 178 16.44 14.06 3.39
N LEU A 179 15.32 13.38 3.56
CA LEU A 179 14.05 13.95 3.17
C LEU A 179 13.31 14.60 4.31
N THR A 180 12.46 15.55 3.95
CA THR A 180 11.57 16.23 4.89
C THR A 180 10.16 16.06 4.30
N PHE A 181 9.22 15.58 5.12
CA PHE A 181 7.85 15.35 4.66
C PHE A 181 6.93 16.35 5.31
N HIS A 182 6.36 17.22 4.49
CA HIS A 182 5.49 18.26 5.00
C HIS A 182 4.03 17.90 4.82
N SER A 183 3.21 18.43 5.72
CA SER A 183 1.77 18.23 5.67
C SER A 183 1.19 18.64 4.33
N ALA A 184 0.40 17.78 3.71
CA ALA A 184 -0.23 18.12 2.42
C ALA A 184 -1.23 19.27 2.56
N PHE A 185 -1.94 19.33 3.70
CA PHE A 185 -2.89 20.41 3.96
C PHE A 185 -2.20 21.76 3.98
N GLU A 186 -1.06 21.83 4.67
CA GLU A 186 -0.29 23.08 4.80
C GLU A 186 0.36 23.56 3.50
N ILE A 187 0.94 22.65 2.73
CA ILE A 187 1.57 23.03 1.45
C ILE A 187 0.49 23.49 0.49
N LEU A 188 -0.66 22.82 0.48
CA LEU A 188 -1.79 23.22 -0.39
C LEU A 188 -2.24 24.63 -0.03
N GLN A 189 -2.37 24.88 1.26
CA GLN A 189 -2.82 26.16 1.79
C GLN A 189 -1.88 27.29 1.35
N GLN A 190 -0.58 27.01 1.40
CA GLN A 190 0.46 27.95 1.02
C GLN A 190 0.50 28.19 -0.48
N TYR A 191 0.09 27.20 -1.29
CA TYR A 191 0.09 27.34 -2.75
C TYR A 191 -1.18 27.92 -3.33
N LEU A 192 -2.31 27.78 -2.63
CA LEU A 192 -3.60 28.27 -3.15
C LEU A 192 -3.63 29.73 -3.62
N PRO A 193 -3.03 30.65 -2.84
CA PRO A 193 -3.03 32.05 -3.26
C PRO A 193 -2.43 32.25 -4.66
N GLU A 194 -1.27 31.65 -4.88
N GLU A 194 -1.26 31.67 -4.90
CA GLU A 194 -0.57 31.71 -6.15
CA GLU A 194 -0.59 31.82 -6.20
C GLU A 194 -1.36 31.06 -7.27
C GLU A 194 -1.25 31.01 -7.33
N LYS A 196 -4.57 30.33 -7.38
CA LYS A 196 -5.80 31.06 -7.65
C LYS A 196 -5.57 32.27 -8.54
N ARG A 197 -4.41 32.93 -8.40
CA ARG A 197 -4.07 34.07 -9.25
C ARG A 197 -3.79 33.61 -10.67
N HIS A 198 -3.03 32.52 -10.79
CA HIS A 198 -2.61 32.00 -12.08
C HIS A 198 -3.69 31.20 -12.86
N ALA A 199 -4.46 30.37 -12.16
CA ALA A 199 -5.43 29.50 -12.85
C ALA A 199 -6.90 29.80 -12.63
N ASP A 200 -7.71 29.35 -13.57
CA ASP A 200 -9.17 29.44 -13.52
C ASP A 200 -9.72 28.10 -12.98
N ILE A 201 -8.94 27.03 -13.14
CA ILE A 201 -9.32 25.67 -12.68
C ILE A 201 -8.15 25.04 -11.93
N ILE A 202 -8.42 24.56 -10.71
CA ILE A 202 -7.39 23.92 -9.88
C ILE A 202 -7.61 22.41 -9.70
N VAL A 203 -6.58 21.65 -10.04
CA VAL A 203 -6.61 20.21 -9.88
C VAL A 203 -5.60 19.83 -8.81
N VAL A 204 -6.05 19.13 -7.78
CA VAL A 204 -5.17 18.62 -6.75
C VAL A 204 -5.08 17.10 -6.92
N CYS A 205 -3.85 16.59 -7.01
CA CYS A 205 -3.58 15.15 -7.13
C CYS A 205 -2.81 14.77 -5.89
N TYR A 206 -3.51 14.10 -4.99
CA TYR A 206 -3.00 13.73 -3.69
C TYR A 206 -2.94 12.24 -3.52
N HIS A 207 -1.73 11.71 -3.29
CA HIS A 207 -1.60 10.32 -3.00
C HIS A 207 -1.87 10.15 -1.50
N GLY A 208 -3.15 10.24 -1.17
CA GLY A 208 -3.63 10.09 0.20
C GLY A 208 -5.13 10.05 0.05
N GLY A 209 -5.81 9.77 1.15
CA GLY A 209 -7.25 9.64 1.12
C GLY A 209 -7.98 10.48 2.14
N PHE A 210 -9.08 9.92 2.64
CA PHE A 210 -9.98 10.62 3.52
C PHE A 210 -10.02 9.99 4.89
N GLU A 211 -9.89 10.84 5.90
CA GLU A 211 -9.86 10.45 7.29
C GLU A 211 -11.23 10.54 7.93
N LYS A 212 -12.17 11.15 7.21
CA LYS A 212 -13.56 11.31 7.66
C LYS A 212 -14.45 10.97 6.48
N ASP A 213 -15.67 10.52 6.77
CA ASP A 213 -16.66 10.20 5.74
C ASP A 213 -17.02 11.47 4.99
N LEU A 214 -17.07 11.40 3.66
CA LEU A 214 -17.35 12.60 2.86
C LEU A 214 -18.68 13.30 3.18
N GLU A 215 -19.73 12.56 3.48
CA GLU A 215 -21.01 13.19 3.76
C GLU A 215 -21.21 13.59 5.22
N SER A 216 -20.96 12.64 6.11
N SER A 216 -20.98 12.65 6.13
CA SER A 216 -21.15 12.85 7.55
CA SER A 216 -21.19 12.91 7.56
C SER A 216 -20.10 13.75 8.16
C SER A 216 -20.09 13.76 8.18
N GLY A 217 -18.85 13.52 7.77
CA GLY A 217 -17.73 14.25 8.34
C GLY A 217 -17.29 13.59 9.64
N THR A 218 -17.80 12.39 9.91
N THR A 218 -17.83 12.40 9.92
CA THR A 218 -17.46 11.65 11.11
CA THR A 218 -17.47 11.66 11.13
C THR A 218 -16.15 10.91 10.86
C THR A 218 -16.17 10.90 10.88
N PRO A 219 -15.23 10.96 11.84
CA PRO A 219 -13.96 10.24 11.67
C PRO A 219 -14.18 8.76 11.33
N THR A 220 -13.34 8.23 10.44
CA THR A 220 -13.43 6.84 10.04
C THR A 220 -12.09 6.16 10.33
N GLU A 221 -11.25 6.83 11.10
CA GLU A 221 -9.96 6.29 11.50
C GLU A 221 -9.39 7.28 12.49
N VAL A 222 -8.29 6.89 13.14
CA VAL A 222 -7.63 7.77 14.09
C VAL A 222 -7.01 8.90 13.26
N LEU A 223 -7.21 10.14 13.72
CA LEU A 223 -6.71 11.34 13.01
C LEU A 223 -5.21 11.56 13.28
N THR A 224 -4.39 10.76 12.62
CA THR A 224 -2.95 10.79 12.75
C THR A 224 -2.25 11.75 11.79
N GLY A 225 -2.94 12.13 10.71
CA GLY A 225 -2.33 13.00 9.70
C GLY A 225 -1.92 12.21 8.46
N GLU A 226 -2.09 10.88 8.52
CA GLU A 226 -1.76 10.03 7.39
C GLU A 226 -2.61 10.46 6.22
N ASN A 227 -3.91 10.64 6.47
CA ASN A 227 -4.86 11.06 5.46
C ASN A 227 -5.42 12.43 5.84
N GLU A 228 -5.32 13.40 4.91
CA GLU A 228 -5.77 14.77 5.15
C GLU A 228 -6.76 15.29 4.12
N GLY A 229 -7.30 14.41 3.29
CA GLY A 229 -8.21 14.81 2.23
C GLY A 229 -9.46 15.54 2.64
N TYR A 230 -10.06 15.14 3.76
CA TYR A 230 -11.28 15.76 4.23
C TYR A 230 -11.00 17.18 4.69
N ALA A 231 -9.98 17.35 5.53
CA ALA A 231 -9.58 18.68 6.00
C ALA A 231 -9.34 19.61 4.82
N LEU A 233 -10.62 19.40 1.82
CA LEU A 233 -11.90 19.72 1.19
C LEU A 233 -12.78 20.65 2.01
N GLU A 234 -12.88 20.45 3.32
CA GLU A 234 -13.73 21.31 4.11
C GLU A 234 -13.19 22.73 4.11
N ALA A 235 -11.86 22.86 4.10
CA ALA A 235 -11.21 24.16 4.11
C ALA A 235 -11.09 24.81 2.72
N PHE A 236 -10.80 24.04 1.67
CA PHE A 236 -10.57 24.65 0.35
C PHE A 236 -11.42 24.23 -0.85
N SER A 237 -12.49 23.47 -0.61
CA SER A 237 -13.33 23.01 -1.71
C SER A 237 -13.73 24.07 -2.74
N LYS A 238 -14.19 25.23 -2.29
N LYS A 238 -14.17 25.23 -2.27
CA LYS A 238 -14.64 26.30 -3.19
CA LYS A 238 -14.61 26.33 -3.15
C LYS A 238 -13.59 26.69 -4.25
C LYS A 238 -13.59 26.72 -4.22
N ASP A 239 -12.32 26.44 -3.97
CA ASP A 239 -11.23 26.76 -4.90
C ASP A 239 -10.71 25.53 -5.64
N ILE A 240 -11.17 24.35 -5.24
CA ILE A 240 -10.70 23.11 -5.89
C ILE A 240 -11.78 22.57 -6.81
N ASP A 241 -11.44 22.40 -8.07
CA ASP A 241 -12.40 21.92 -9.06
C ASP A 241 -12.36 20.38 -9.18
N ILE A 242 -11.16 19.81 -9.17
CA ILE A 242 -10.99 18.35 -9.23
C ILE A 242 -10.02 17.92 -8.11
N PHE A 243 -10.48 16.97 -7.28
CA PHE A 243 -9.67 16.40 -6.17
C PHE A 243 -9.42 14.90 -6.49
N ILE A 244 -8.21 14.58 -6.92
CA ILE A 244 -7.84 13.21 -7.29
C ILE A 244 -7.13 12.64 -6.10
N THR A 245 -7.57 11.47 -5.65
CA THR A 245 -6.98 10.82 -4.49
C THR A 245 -6.60 9.37 -4.77
N GLY A 246 -5.91 8.76 -3.81
CA GLY A 246 -5.48 7.37 -3.92
C GLY A 246 -5.14 6.86 -2.54
N HIS A 247 -4.16 5.98 -2.47
CA HIS A 247 -3.63 5.45 -1.22
C HIS A 247 -4.51 4.44 -0.44
N GLN A 248 -5.79 4.74 -0.32
CA GLN A 248 -6.71 3.90 0.44
C GLN A 248 -7.32 2.79 -0.38
N HIS A 249 -7.09 2.79 -1.70
CA HIS A 249 -7.59 1.73 -2.58
C HIS A 249 -9.11 1.66 -2.63
N ARG A 250 -9.77 2.78 -2.40
CA ARG A 250 -11.24 2.81 -2.45
C ARG A 250 -11.71 3.25 -3.83
N GLN A 251 -12.96 2.95 -4.15
CA GLN A 251 -13.59 3.37 -5.40
C GLN A 251 -14.57 4.47 -5.05
N ILE A 252 -14.18 5.72 -5.35
CA ILE A 252 -14.96 6.91 -5.03
C ILE A 252 -15.03 7.80 -6.26
N ALA A 253 -16.23 8.29 -6.54
CA ALA A 253 -16.48 9.17 -7.66
C ALA A 253 -17.77 9.91 -7.30
N GLU A 254 -17.62 11.11 -6.77
CA GLU A 254 -18.77 11.91 -6.35
C GLU A 254 -18.42 13.38 -6.27
N ARG A 255 -19.39 14.21 -5.87
CA ARG A 255 -19.17 15.63 -5.73
C ARG A 255 -19.15 16.02 -4.25
N PHE A 256 -18.18 16.86 -3.88
CA PHE A 256 -18.12 17.44 -2.54
C PHE A 256 -18.39 18.92 -2.82
N LYS A 257 -19.61 19.36 -2.50
CA LYS A 257 -20.04 20.71 -2.87
C LYS A 257 -19.89 20.77 -4.40
N GLN A 258 -19.11 21.70 -4.95
CA GLN A 258 -18.92 21.74 -6.42
C GLN A 258 -17.67 20.95 -6.89
N THR A 259 -16.85 20.48 -5.95
CA THR A 259 -15.61 19.76 -6.29
C THR A 259 -15.85 18.33 -6.75
N ALA A 260 -15.25 17.96 -7.89
CA ALA A 260 -15.30 16.58 -8.37
C ALA A 260 -14.24 15.80 -7.59
N VAL A 261 -14.66 14.77 -6.87
CA VAL A 261 -13.77 13.93 -6.05
C VAL A 261 -13.68 12.52 -6.63
N ILE A 262 -12.45 12.04 -6.80
CA ILE A 262 -12.22 10.73 -7.39
C ILE A 262 -11.15 9.94 -6.63
N GLN A 263 -11.40 8.63 -6.47
CA GLN A 263 -10.40 7.68 -5.96
C GLN A 263 -10.64 6.41 -6.82
N PRO A 264 -9.69 6.06 -7.71
CA PRO A 264 -9.98 4.98 -8.65
C PRO A 264 -9.47 3.59 -8.30
N GLY A 265 -9.59 3.18 -7.04
CA GLY A 265 -9.24 1.82 -6.64
C GLY A 265 -7.79 1.48 -6.71
N THR A 266 -7.52 0.27 -7.18
CA THR A 266 -6.17 -0.25 -7.27
C THR A 266 -6.06 -1.35 -8.32
N ARG A 267 -4.84 -1.60 -8.77
CA ARG A 267 -4.51 -2.64 -9.75
C ARG A 267 -5.20 -2.52 -11.14
N GLY A 268 -5.59 -1.32 -11.50
CA GLY A 268 -6.19 -1.07 -12.82
C GLY A 268 -7.53 -1.72 -13.02
N THR A 269 -8.28 -1.90 -11.93
CA THR A 269 -9.60 -2.51 -11.99
C THR A 269 -10.62 -1.51 -12.50
N THR A 270 -10.33 -0.23 -12.30
CA THR A 270 -11.17 0.87 -12.73
C THR A 270 -10.30 2.07 -13.12
N VAL A 271 -10.91 2.98 -13.87
CA VAL A 271 -10.26 4.20 -14.30
C VAL A 271 -11.14 5.37 -13.89
N GLY A 272 -10.56 6.40 -13.27
CA GLY A 272 -11.34 7.59 -12.92
C GLY A 272 -11.44 8.56 -14.11
N ARG A 273 -12.61 9.12 -14.37
CA ARG A 273 -12.78 10.09 -15.45
C ARG A 273 -13.54 11.30 -14.96
N VAL A 274 -12.94 12.49 -15.10
CA VAL A 274 -13.65 13.72 -14.79
C VAL A 274 -13.68 14.53 -16.10
N VAL A 275 -14.86 15.00 -16.48
CA VAL A 275 -14.98 15.81 -17.68
C VAL A 275 -15.40 17.22 -17.29
N LEU A 276 -14.74 18.21 -17.87
CA LEU A 276 -15.11 19.61 -17.67
C LEU A 276 -15.61 20.12 -19.02
N SER A 277 -16.60 21.01 -19.00
CA SER A 277 -17.12 21.61 -20.24
C SER A 277 -17.42 23.08 -20.01
N THR A 278 -17.35 23.85 -21.11
CA THR A 278 -17.55 25.29 -21.05
C THR A 278 -19.02 25.72 -21.04
N ASP A 279 -19.25 26.96 -20.60
CA ASP A 279 -20.59 27.58 -20.57
C ASP A 279 -20.72 28.44 -21.82
N GLU A 280 -21.78 29.25 -21.86
CA GLU A 280 -21.93 30.26 -22.92
C GLU A 280 -20.94 31.36 -22.49
N TYR A 281 -20.82 31.56 -21.17
CA TYR A 281 -19.86 32.52 -20.59
C TYR A 281 -18.41 32.14 -20.94
N GLU A 282 -18.23 30.88 -21.34
CA GLU A 282 -16.93 30.34 -21.75
C GLU A 282 -16.08 29.93 -20.54
N ASN A 283 -16.75 29.62 -19.43
CA ASN A 283 -16.05 29.15 -18.23
C ASN A 283 -16.21 27.64 -18.08
N LEU A 284 -15.10 26.97 -17.75
CA LEU A 284 -15.09 25.54 -17.56
C LEU A 284 -15.79 25.15 -16.26
N SER A 285 -16.58 24.09 -16.31
N SER A 285 -16.59 24.10 -16.31
CA SER A 285 -17.29 23.59 -15.16
CA SER A 285 -17.30 23.59 -15.13
C SER A 285 -17.35 22.07 -15.22
C SER A 285 -17.36 22.07 -15.22
N VAL A 286 -17.47 21.42 -14.06
CA VAL A 286 -17.53 19.96 -14.00
C VAL A 286 -18.81 19.46 -14.67
N GLU A 287 -18.66 18.54 -15.62
CA GLU A 287 -19.80 17.97 -16.31
C GLU A 287 -20.09 16.58 -15.77
N SER A 288 -19.04 15.80 -15.52
CA SER A 288 -19.24 14.47 -14.97
C SER A 288 -18.02 14.02 -14.17
N CYS A 289 -18.27 13.09 -13.27
CA CYS A 289 -17.23 12.53 -12.41
C CYS A 289 -17.63 11.11 -12.09
N GLU A 290 -16.89 10.14 -12.60
CA GLU A 290 -17.26 8.74 -12.39
C GLU A 290 -16.11 7.80 -12.63
N LEU A 291 -16.34 6.53 -12.32
CA LEU A 291 -15.36 5.48 -12.53
C LEU A 291 -15.79 4.62 -13.71
N LEU A 292 -14.86 4.33 -14.61
CA LEU A 292 -15.14 3.50 -15.75
C LEU A 292 -14.62 2.12 -15.42
N PRO A 293 -15.45 1.07 -15.60
CA PRO A 293 -14.93 -0.26 -15.30
C PRO A 293 -13.97 -0.76 -16.37
N VAL A 294 -12.95 -1.49 -15.95
CA VAL A 294 -12.01 -2.07 -16.90
C VAL A 294 -12.59 -3.43 -17.30
N ILE A 295 -12.81 -3.63 -18.58
CA ILE A 295 -13.41 -4.85 -19.06
C ILE A 295 -12.62 -5.36 -20.26
N ASP A 296 -12.72 -6.65 -20.49
CA ASP A 296 -12.05 -7.29 -21.58
C ASP A 296 -12.90 -6.97 -22.78
N ASP A 297 -12.31 -7.01 -23.96
CA ASP A 297 -13.09 -6.79 -25.18
C ASP A 297 -12.33 -7.39 -26.35
N SER A 298 -13.02 -7.59 -27.45
CA SER A 298 -12.47 -8.25 -28.60
C SER A 298 -11.35 -7.50 -29.34
N THR A 299 -11.19 -6.20 -29.10
CA THR A 299 -10.13 -5.39 -29.78
C THR A 299 -8.81 -5.37 -29.01
N PHE A 300 -8.83 -5.79 -27.76
CA PHE A 300 -7.62 -5.77 -26.96
C PHE A 300 -6.66 -6.89 -27.32
N THR A 301 -5.41 -6.54 -27.55
CA THR A 301 -4.38 -7.50 -27.81
C THR A 301 -3.14 -7.12 -27.04
N ILE A 302 -2.29 -8.09 -26.79
CA ILE A 302 -1.06 -7.84 -26.11
C ILE A 302 0.04 -8.19 -27.11
N ASP A 303 0.97 -7.26 -27.31
CA ASP A 303 2.08 -7.44 -28.26
C ASP A 303 2.86 -8.70 -27.94
N GLU A 304 3.50 -9.27 -28.95
CA GLU A 304 4.26 -10.50 -28.73
C GLU A 304 5.42 -10.31 -27.74
N ASP A 305 6.07 -9.15 -27.75
CA ASP A 305 7.16 -8.91 -26.80
C ASP A 305 6.61 -8.91 -25.37
N ASP A 306 5.43 -8.34 -25.19
CA ASP A 306 4.77 -8.29 -23.88
C ASP A 306 4.40 -9.69 -23.43
N GLN A 307 3.87 -10.50 -24.33
CA GLN A 307 3.50 -11.89 -24.01
C GLN A 307 4.75 -12.68 -23.65
N HIS A 308 5.86 -12.36 -24.29
CA HIS A 308 7.11 -13.04 -24.01
C HIS A 308 7.62 -12.69 -22.61
N LEU A 309 7.48 -11.41 -22.21
CA LEU A 309 7.89 -10.97 -20.87
C LEU A 309 7.05 -11.70 -19.80
N ARG A 310 5.73 -11.75 -20.03
CA ARG A 310 4.81 -12.47 -19.15
C ARG A 310 5.25 -13.94 -18.99
N LYS A 311 5.64 -14.59 -20.09
CA LYS A 311 6.08 -15.99 -20.02
C LYS A 311 7.32 -16.12 -19.15
N GLN A 312 8.28 -15.23 -19.34
CA GLN A 312 9.48 -15.24 -18.49
C GLN A 312 9.10 -15.08 -17.03
N LEU A 313 8.17 -14.18 -16.77
CA LEU A 313 7.69 -13.94 -15.42
C LEU A 313 7.02 -15.20 -14.86
N GLU A 314 6.13 -15.83 -15.62
CA GLU A 314 5.45 -17.03 -15.11
C GLU A 314 6.42 -18.19 -14.89
N ASP A 315 7.36 -18.36 -15.82
CA ASP A 315 8.35 -19.44 -15.66
C ASP A 315 9.14 -19.24 -14.38
N TRP A 316 9.48 -17.99 -14.06
CA TRP A 316 10.22 -17.69 -12.84
C TRP A 316 9.37 -17.98 -11.60
N LEU A 317 8.08 -17.64 -11.66
CA LEU A 317 7.15 -17.92 -10.55
C LEU A 317 6.94 -19.44 -10.35
N ASP A 318 7.03 -20.21 -11.42
CA ASP A 318 6.90 -21.69 -11.33
C ASP A 318 8.19 -22.39 -10.86
N TYR A 319 9.27 -21.63 -10.65
CA TYR A 319 10.51 -22.24 -10.20
C TYR A 319 10.27 -22.96 -8.88
N GLU A 320 10.62 -24.25 -8.82
CA GLU A 320 10.42 -25.04 -7.62
C GLU A 320 11.53 -24.80 -6.60
N ILE A 321 11.14 -24.36 -5.40
CA ILE A 321 12.06 -24.06 -4.33
C ILE A 321 12.45 -25.37 -3.62
N THR A 322 11.44 -26.15 -3.24
CA THR A 322 11.67 -27.41 -2.56
C THR A 322 10.39 -28.20 -2.46
N THR A 323 10.52 -29.45 -2.02
CA THR A 323 9.36 -30.28 -1.76
C THR A 323 9.35 -30.49 -0.25
N LEU A 324 8.18 -30.40 0.36
CA LEU A 324 8.04 -30.60 1.80
C LEU A 324 7.49 -32.00 2.05
N PRO A 325 7.77 -32.58 3.22
CA PRO A 325 7.23 -33.91 3.54
C PRO A 325 5.72 -33.87 3.79
N TYR A 326 5.24 -32.76 4.33
CA TYR A 326 3.81 -32.59 4.60
C TYR A 326 3.30 -31.24 4.10
N ASP A 327 1.97 -31.13 4.08
CA ASP A 327 1.29 -29.92 3.60
C ASP A 327 1.15 -28.90 4.73
N THR A 329 -1.08 -25.89 4.00
CA THR A 329 -2.01 -24.98 3.35
C THR A 329 -2.92 -24.28 4.33
N ILE A 330 -3.33 -23.06 3.98
CA ILE A 330 -4.28 -22.29 4.75
C ILE A 330 -5.59 -22.28 3.96
N ASN A 331 -6.59 -22.99 4.47
CA ASN A 331 -7.90 -23.07 3.83
C ASN A 331 -8.73 -21.83 4.11
N HIS A 332 -8.83 -21.47 5.39
CA HIS A 332 -9.59 -20.29 5.82
C HIS A 332 -8.66 -19.39 6.61
N ALA A 333 -8.34 -18.24 6.03
CA ALA A 333 -7.40 -17.28 6.63
C ALA A 333 -7.79 -16.87 8.04
N PHE A 334 -9.07 -16.62 8.28
CA PHE A 334 -9.54 -16.23 9.59
C PHE A 334 -9.23 -17.29 10.65
N GLU A 335 -9.34 -18.56 10.27
CA GLU A 335 -9.05 -19.65 11.18
C GLU A 335 -7.58 -19.68 11.57
N ALA A 336 -6.70 -19.26 10.65
CA ALA A 336 -5.26 -19.22 10.92
C ALA A 336 -4.84 -17.95 11.66
N ARG A 337 -5.79 -17.06 11.94
CA ARG A 337 -5.51 -15.84 12.71
C ARG A 337 -6.07 -15.93 14.12
N VAL A 338 -7.17 -16.68 14.27
N VAL A 338 -7.16 -16.67 14.28
CA VAL A 338 -7.84 -16.81 15.57
CA VAL A 338 -7.82 -16.83 15.58
C VAL A 338 -7.25 -17.95 16.43
C VAL A 338 -7.21 -17.94 16.44
N ALA A 339 -6.37 -18.76 15.83
CA ALA A 339 -5.71 -19.88 16.53
C ALA A 339 -4.45 -20.27 15.81
N PRO A 340 -3.51 -20.96 16.51
CA PRO A 340 -2.28 -21.38 15.85
C PRO A 340 -2.56 -22.26 14.63
N HIS A 341 -1.71 -22.14 13.62
CA HIS A 341 -1.81 -22.90 12.39
C HIS A 341 -0.40 -23.35 12.03
N PRO A 342 -0.25 -24.53 11.45
CA PRO A 342 1.13 -24.96 11.16
C PRO A 342 1.95 -23.99 10.29
N PHE A 343 1.31 -23.25 9.39
CA PHE A 343 2.04 -22.31 8.55
C PHE A 343 2.55 -21.08 9.32
N THR A 344 1.72 -20.51 10.19
CA THR A 344 2.13 -19.38 11.03
C THR A 344 3.16 -19.83 12.09
N ASN A 345 3.07 -21.07 12.53
CA ASN A 345 4.06 -21.61 13.46
C ASN A 345 5.42 -21.71 12.75
N PHE A 346 5.37 -22.14 11.49
CA PHE A 346 6.56 -22.24 10.62
C PHE A 346 7.26 -20.89 10.37
N ASN A 348 7.03 -18.11 12.12
CA ASN A 348 7.58 -17.65 13.41
C ASN A 348 8.85 -18.40 13.81
N TYR A 349 8.86 -19.72 13.62
CA TYR A 349 10.04 -20.50 13.92
C TYR A 349 11.21 -20.02 13.05
N ALA A 350 10.95 -19.81 11.77
CA ALA A 350 11.98 -19.34 10.86
C ALA A 350 12.61 -18.02 11.37
N LEU A 351 11.77 -17.12 11.84
CA LEU A 351 12.24 -15.85 12.36
C LEU A 351 13.01 -16.03 13.67
N LEU A 352 12.52 -16.88 14.57
CA LEU A 352 13.22 -17.12 15.83
C LEU A 352 14.62 -17.74 15.59
N GLU A 353 14.70 -18.65 14.64
CA GLU A 353 15.98 -19.29 14.32
C GLU A 353 16.98 -18.30 13.70
N LYS A 354 16.50 -17.45 12.80
CA LYS A 354 17.39 -16.47 12.18
C LYS A 354 17.85 -15.39 13.17
N SER A 355 16.92 -14.90 13.98
CA SER A 355 17.18 -13.77 14.86
C SER A 355 17.76 -14.08 16.22
N ASP A 356 17.43 -15.27 16.74
CA ASP A 356 17.84 -15.71 18.06
C ASP A 356 17.10 -14.89 19.16
N ALA A 357 16.00 -14.24 18.76
CA ALA A 357 15.22 -13.41 19.68
C ALA A 357 14.38 -14.26 20.61
N ASP A 358 13.91 -13.67 21.71
CA ASP A 358 13.03 -14.38 22.64
C ASP A 358 11.66 -14.57 21.99
N VAL A 359 11.22 -13.55 21.25
CA VAL A 359 9.92 -13.56 20.63
C VAL A 359 10.04 -13.10 19.17
N ALA A 360 9.08 -13.50 18.36
CA ALA A 360 9.04 -13.09 16.99
C ALA A 360 7.59 -12.91 16.64
N CYS A 361 7.31 -12.19 15.57
CA CYS A 361 5.94 -12.05 15.15
C CYS A 361 5.87 -11.74 13.67
N THR A 362 4.74 -12.09 13.09
CA THR A 362 4.45 -11.82 11.71
C THR A 362 2.94 -11.82 11.49
N ALA A 363 2.55 -11.12 10.45
CA ALA A 363 1.17 -11.03 10.06
C ALA A 363 0.95 -12.13 9.05
N LEU A 364 -0.29 -12.52 8.89
CA LEU A 364 -0.66 -13.47 7.87
C LEU A 364 -1.24 -12.54 6.82
N PHE A 365 -0.53 -12.37 5.71
CA PHE A 365 -1.00 -11.44 4.70
C PHE A 365 -2.22 -11.97 3.94
N ASP A 366 -2.96 -11.05 3.35
CA ASP A 366 -4.18 -11.40 2.61
C ASP A 366 -4.01 -12.45 1.51
N SER A 367 -2.87 -12.43 0.82
CA SER A 367 -2.61 -13.36 -0.30
C SER A 367 -1.94 -14.68 0.12
N ALA A 368 -1.71 -14.86 1.43
CA ALA A 368 -1.07 -16.06 1.91
C ALA A 368 -2.04 -17.25 1.88
N SER A 369 -1.58 -18.34 1.29
CA SER A 369 -2.35 -19.57 1.22
C SER A 369 -1.55 -20.70 1.82
N GLY A 370 -0.45 -20.36 2.49
CA GLY A 370 0.42 -21.34 3.10
C GLY A 370 1.16 -22.05 2.00
N PHE A 371 1.77 -23.19 2.35
CA PHE A 371 2.51 -23.99 1.40
C PHE A 371 1.90 -25.36 1.24
N LYS A 372 2.03 -25.89 0.05
CA LYS A 372 1.61 -27.24 -0.25
C LYS A 372 2.92 -27.97 -0.23
N GLN A 373 2.90 -29.27 -0.52
CA GLN A 373 4.14 -30.02 -0.50
C GLN A 373 5.14 -29.50 -1.52
N VAL A 374 4.70 -29.16 -2.74
CA VAL A 374 5.61 -28.56 -3.72
C VAL A 374 5.48 -27.04 -3.57
N VAL A 375 6.61 -26.40 -3.23
CA VAL A 375 6.65 -24.97 -3.02
C VAL A 375 7.36 -24.32 -4.22
N THR A 376 6.68 -23.39 -4.89
CA THR A 376 7.29 -22.66 -6.02
C THR A 376 7.54 -21.19 -5.59
N ARG A 378 6.23 -18.59 -6.78
CA ARG A 378 4.88 -17.98 -6.69
C ARG A 378 4.27 -18.08 -5.28
N ASP A 379 4.40 -19.25 -4.66
CA ASP A 379 3.81 -19.48 -3.33
C ASP A 379 4.57 -18.69 -2.28
N VAL A 380 5.89 -18.64 -2.39
CA VAL A 380 6.68 -17.87 -1.47
C VAL A 380 6.30 -16.39 -1.52
N ILE A 381 6.27 -15.84 -2.73
CA ILE A 381 5.93 -14.43 -2.89
C ILE A 381 4.52 -14.14 -2.35
N ASN A 382 3.56 -15.01 -2.67
CA ASN A 382 2.21 -14.83 -2.17
C ASN A 382 2.11 -14.89 -0.63
N ASN A 383 2.96 -15.67 0.03
CA ASN A 383 2.97 -15.72 1.49
C ASN A 383 3.71 -14.52 2.12
N TYR A 384 4.67 -13.94 1.41
CA TYR A 384 5.38 -12.77 1.94
C TYR A 384 5.67 -11.83 0.76
N PRO A 385 4.69 -11.01 0.34
CA PRO A 385 4.80 -10.12 -0.83
C PRO A 385 5.26 -8.69 -0.55
N PHE A 386 6.03 -8.49 0.51
CA PHE A 386 6.51 -7.15 0.83
C PHE A 386 8.01 -7.24 0.97
N PRO A 387 8.73 -6.19 0.56
CA PRO A 387 10.18 -6.26 0.69
C PRO A 387 10.65 -5.82 2.09
N ASN A 388 10.06 -6.38 3.14
CA ASN A 388 10.46 -6.01 4.49
C ASN A 388 11.69 -6.78 4.94
N THR A 389 12.56 -6.11 5.70
CA THR A 389 13.69 -6.76 6.33
C THR A 389 13.29 -6.83 7.82
N PHE A 390 14.18 -7.29 8.70
CA PHE A 390 13.81 -7.47 10.09
C PHE A 390 14.77 -6.84 11.10
N LYS A 391 14.25 -6.62 12.29
CA LYS A 391 15.00 -6.07 13.39
C LYS A 391 14.63 -6.76 14.69
N VAL A 392 15.62 -6.98 15.55
CA VAL A 392 15.41 -7.53 16.87
C VAL A 392 15.52 -6.33 17.78
N LEU A 393 14.44 -6.08 18.51
CA LEU A 393 14.32 -4.95 19.40
C LEU A 393 14.30 -5.41 20.85
N ALA A 394 14.91 -4.61 21.72
CA ALA A 394 14.88 -4.86 23.17
C ALA A 394 13.69 -4.08 23.73
N VAL A 395 12.75 -4.78 24.34
CA VAL A 395 11.55 -4.18 24.90
C VAL A 395 11.24 -4.78 26.25
N SER A 396 10.61 -4.00 27.11
CA SER A 396 10.23 -4.50 28.41
C SER A 396 9.07 -5.43 28.21
N GLY A 397 8.76 -6.20 29.25
CA GLY A 397 7.64 -7.11 29.22
C GLY A 397 6.34 -6.34 29.07
N ALA A 398 6.29 -5.15 29.69
CA ALA A 398 5.13 -4.26 29.56
C ALA A 398 4.94 -3.79 28.10
N LYS A 399 6.01 -3.40 27.41
CA LYS A 399 5.86 -2.96 26.01
C LYS A 399 5.42 -4.11 25.13
N LEU A 400 5.86 -5.32 25.45
CA LEU A 400 5.44 -6.48 24.69
C LEU A 400 3.95 -6.66 24.80
N LYS A 401 3.40 -6.52 26.01
CA LYS A 401 1.97 -6.65 26.23
C LYS A 401 1.21 -5.63 25.38
N GLU A 402 1.73 -4.41 25.35
CA GLU A 402 1.14 -3.32 24.57
C GLU A 402 1.05 -3.68 23.09
N ALA A 403 2.09 -4.34 22.58
CA ALA A 403 2.12 -4.78 21.20
C ALA A 403 1.07 -5.87 20.96
N ILE A 404 0.96 -6.84 21.91
CA ILE A 404 -0.05 -7.89 21.75
C ILE A 404 -1.47 -7.27 21.86
N GLU A 405 -1.64 -6.29 22.74
CA GLU A 405 -2.94 -5.59 22.90
C GLU A 405 -3.34 -4.86 21.60
N ARG A 406 -2.36 -4.31 20.90
CA ARG A 406 -2.66 -3.63 19.63
C ARG A 406 -3.15 -4.67 18.62
N SER A 407 -2.43 -5.78 18.47
CA SER A 407 -2.88 -6.86 17.60
C SER A 407 -4.29 -7.38 17.96
N ALA A 408 -4.59 -7.50 19.28
CA ALA A 408 -5.90 -7.97 19.74
C ALA A 408 -7.05 -7.04 19.33
N GLU A 409 -6.73 -5.80 18.93
CA GLU A 409 -7.76 -4.86 18.43
C GLU A 409 -8.31 -5.32 17.06
N TYR A 410 -7.65 -6.31 16.45
CA TYR A 410 -8.09 -6.86 15.17
C TYR A 410 -9.46 -7.57 15.30
N PHE A 411 -9.76 -8.06 16.51
CA PHE A 411 -11.00 -8.78 16.77
C PHE A 411 -12.14 -7.94 17.40
N ASP A 412 -13.34 -8.42 17.14
CA ASP A 412 -14.55 -7.83 17.67
C ASP A 412 -15.50 -8.97 17.94
N VAL A 413 -16.57 -8.70 18.67
CA VAL A 413 -17.58 -9.71 18.92
C VAL A 413 -18.86 -9.31 18.20
N LYS A 414 -19.33 -10.17 17.30
CA LYS A 414 -20.59 -9.94 16.60
C LYS A 414 -21.47 -11.15 16.70
N ASN A 415 -22.73 -10.92 17.07
CA ASN A 415 -23.69 -12.00 17.18
C ASN A 415 -23.14 -13.10 18.07
N ASP A 416 -22.55 -12.69 19.19
CA ASP A 416 -22.01 -13.59 20.20
C ASP A 416 -20.84 -14.46 19.71
N GLU A 417 -20.10 -13.99 18.71
CA GLU A 417 -18.93 -14.74 18.27
C GLU A 417 -17.81 -13.83 17.79
N VAL A 418 -16.59 -14.35 17.88
CA VAL A 418 -15.40 -13.62 17.51
C VAL A 418 -15.39 -13.37 16.00
N SER A 419 -15.18 -12.12 15.61
CA SER A 419 -15.10 -11.72 14.21
C SER A 419 -14.03 -10.64 14.06
N VAL A 420 -13.77 -10.24 12.82
CA VAL A 420 -12.78 -9.22 12.55
C VAL A 420 -13.41 -7.87 12.78
N SER A 421 -12.70 -6.99 13.50
CA SER A 421 -13.18 -5.64 13.76
C SER A 421 -13.32 -4.80 12.49
N ALA A 422 -14.35 -3.95 12.48
CA ALA A 422 -14.61 -3.05 11.36
C ALA A 422 -13.42 -2.11 11.15
N ASP A 423 -12.73 -1.77 12.24
CA ASP A 423 -11.56 -0.90 12.20
C ASP A 423 -10.47 -1.45 11.26
N PHE A 424 -10.36 -2.77 11.18
CA PHE A 424 -9.35 -3.44 10.34
C PHE A 424 -9.84 -3.86 8.96
N LEU A 425 -11.11 -3.62 8.65
CA LEU A 425 -11.67 -3.93 7.32
C LEU A 425 -12.07 -2.70 6.48
N GLU A 426 -12.45 -1.62 7.13
CA GLU A 426 -12.89 -0.41 6.45
C GLU A 426 -12.09 0.80 6.92
N PRO A 427 -11.86 1.77 6.01
CA PRO A 427 -12.28 1.75 4.60
C PRO A 427 -11.32 0.93 3.70
N LYS A 428 -10.28 0.35 4.29
CA LYS A 428 -9.33 -0.51 3.57
C LYS A 428 -8.93 -1.70 4.46
N PRO A 429 -8.94 -2.94 3.92
CA PRO A 429 -8.51 -4.07 4.73
C PRO A 429 -7.04 -3.96 5.17
N GLN A 430 -6.77 -4.23 6.44
CA GLN A 430 -5.41 -4.20 6.95
C GLN A 430 -5.06 -5.42 7.82
N HIS A 431 -5.21 -6.59 7.22
CA HIS A 431 -4.86 -7.84 7.88
C HIS A 431 -3.37 -7.85 8.19
N PHE A 432 -2.59 -7.08 7.43
CA PHE A 432 -1.16 -6.96 7.64
C PHE A 432 -0.83 -6.32 8.99
N ASN A 433 -1.84 -5.74 9.65
CA ASN A 433 -1.63 -5.13 10.97
C ASN A 433 -2.02 -6.01 12.16
N TYR A 434 -2.31 -7.30 11.90
CA TYR A 434 -2.55 -8.25 12.97
C TYR A 434 -1.36 -9.18 13.00
N ASP A 435 -0.66 -9.21 14.13
CA ASP A 435 0.50 -10.06 14.28
C ASP A 435 0.19 -11.28 15.14
N ILE A 436 0.80 -12.39 14.77
CA ILE A 436 0.72 -13.64 15.48
C ILE A 436 2.11 -13.76 16.07
N TYR A 437 2.19 -13.96 17.38
CA TYR A 437 3.45 -14.05 18.09
C TYR A 437 3.88 -15.47 18.42
N GLY A 438 5.20 -15.69 18.34
CA GLY A 438 5.80 -16.98 18.62
C GLY A 438 6.88 -16.77 19.68
N GLY A 439 7.07 -17.78 20.52
CA GLY A 439 8.06 -17.69 21.60
C GLY A 439 7.36 -17.24 22.88
N VAL A 440 6.13 -16.77 22.75
CA VAL A 440 5.33 -16.32 23.88
C VAL A 440 3.93 -16.89 23.74
N SER A 441 3.37 -17.38 24.86
CA SER A 441 2.01 -17.90 24.85
C SER A 441 1.10 -16.84 25.51
N TYR A 442 -0.14 -16.74 25.07
CA TYR A 442 -1.06 -15.72 25.58
C TYR A 442 -2.51 -16.03 25.25
N THR A 443 -3.40 -15.31 25.93
CA THR A 443 -4.82 -15.47 25.74
C THR A 443 -5.39 -14.13 25.42
N ILE A 444 -6.24 -14.08 24.39
CA ILE A 444 -6.92 -12.86 24.04
C ILE A 444 -8.39 -13.03 24.34
N HIS A 445 -8.94 -12.08 25.09
CA HIS A 445 -10.34 -12.07 25.49
C HIS A 445 -11.03 -10.94 24.77
N VAL A 446 -11.64 -11.27 23.64
CA VAL A 446 -12.20 -10.24 22.74
C VAL A 446 -13.33 -9.41 23.36
N GLY A 447 -14.08 -9.97 24.30
CA GLY A 447 -15.17 -9.24 24.94
C GLY A 447 -14.71 -8.15 25.91
N ARG A 448 -13.42 -8.12 26.25
CA ARG A 448 -12.91 -7.09 27.16
C ARG A 448 -12.49 -5.82 26.41
N PRO A 449 -12.45 -4.66 27.10
CA PRO A 449 -12.06 -3.41 26.46
C PRO A 449 -10.68 -3.48 25.80
N LYS A 450 -10.56 -2.82 24.64
CA LYS A 450 -9.28 -2.72 23.96
C LYS A 450 -8.26 -2.23 24.96
N GLY A 451 -7.06 -2.79 24.91
CA GLY A 451 -6.01 -2.38 25.83
C GLY A 451 -5.91 -3.29 27.05
N GLN A 452 -6.96 -4.07 27.34
CA GLN A 452 -6.92 -5.01 28.47
C GLN A 452 -7.49 -6.41 28.13
N ARG A 453 -7.21 -6.84 26.90
CA ARG A 453 -7.65 -8.12 26.36
C ARG A 453 -6.65 -9.26 26.45
N VAL A 454 -5.39 -8.97 26.75
CA VAL A 454 -4.33 -9.97 26.78
C VAL A 454 -4.05 -10.46 28.22
N SER A 455 -4.03 -11.79 28.40
CA SER A 455 -3.80 -12.43 29.68
C SER A 455 -2.90 -13.63 29.52
N ASN A 456 -2.48 -14.17 30.66
CA ASN A 456 -1.70 -15.38 30.70
C ASN A 456 -0.42 -15.40 29.88
N ILE A 459 6.66 -16.76 28.82
N ILE A 459 6.63 -16.45 28.22
CA ILE A 459 7.82 -16.96 27.99
CA ILE A 459 7.62 -16.43 27.12
C ILE A 459 8.71 -18.01 28.61
C ILE A 459 8.37 -17.79 27.13
N GLN A 460 8.69 -19.19 28.03
N GLN A 460 8.72 -18.27 28.32
CA GLN A 460 9.50 -20.31 28.51
CA GLN A 460 9.28 -19.61 28.47
C GLN A 460 9.20 -20.68 29.96
C GLN A 460 8.27 -20.40 29.28
N GLY A 461 7.93 -20.99 30.24
N GLY A 461 8.62 -20.65 30.54
CA GLY A 461 7.51 -21.43 31.57
CA GLY A 461 7.77 -21.37 31.46
C GLY A 461 7.63 -20.38 32.66
C GLY A 461 7.58 -20.45 32.65
N HIS A 462 7.76 -19.13 32.24
N HIS A 462 7.90 -19.19 32.41
CA HIS A 462 7.87 -18.02 33.17
CA HIS A 462 7.74 -18.15 33.41
C HIS A 462 6.86 -16.95 32.80
C HIS A 462 6.85 -17.04 32.86
N ALA A 463 6.08 -16.46 33.76
CA ALA A 463 5.14 -15.40 33.46
C ALA A 463 5.96 -14.23 32.97
N VAL A 464 5.42 -13.47 32.05
CA VAL A 464 6.18 -12.33 31.58
C VAL A 464 6.35 -11.36 32.73
N ASP A 465 7.60 -11.05 33.03
CA ASP A 465 7.90 -10.07 34.04
C ASP A 465 7.81 -8.74 33.30
N LEU A 466 6.84 -7.90 33.67
CA LEU A 466 6.60 -6.60 33.03
C LEU A 466 7.79 -5.62 33.07
N LYS A 467 8.70 -5.82 34.03
CA LYS A 467 9.88 -4.96 34.21
C LYS A 467 11.16 -5.57 33.63
N GLN A 468 11.12 -6.83 33.19
CA GLN A 468 12.27 -7.46 32.62
C GLN A 468 12.38 -7.10 31.15
N THR A 469 13.60 -7.10 30.62
CA THR A 469 13.86 -6.80 29.23
C THR A 469 13.87 -8.10 28.40
N TYR A 470 13.15 -8.09 27.28
CA TYR A 470 13.10 -9.23 26.35
C TYR A 470 13.49 -8.73 24.96
N THR A 471 13.72 -9.64 24.02
CA THR A 471 14.04 -9.29 22.62
C THR A 471 12.95 -9.83 21.70
N ILE A 472 12.56 -9.02 20.72
CA ILE A 472 11.52 -9.42 19.77
C ILE A 472 11.97 -9.06 18.34
N CYS A 473 11.75 -10.01 17.43
CA CYS A 473 12.09 -9.87 16.05
C CYS A 473 10.83 -9.43 15.32
N VAL A 474 10.84 -8.22 14.77
CA VAL A 474 9.70 -7.71 14.02
C VAL A 474 10.18 -7.27 12.66
N ASN A 475 9.26 -7.06 11.71
CA ASN A 475 9.66 -6.54 10.38
C ASN A 475 9.98 -5.04 10.49
N ASN A 476 10.68 -4.47 9.50
CA ASN A 476 11.12 -3.08 9.57
C ASN A 476 9.95 -2.10 9.59
N TYR A 477 8.85 -2.48 8.96
CA TYR A 477 7.65 -1.64 8.96
C TYR A 477 7.20 -1.46 10.41
N ARG A 478 7.09 -2.55 11.14
CA ARG A 478 6.72 -2.46 12.58
C ARG A 478 7.71 -1.70 13.40
N ALA A 479 8.99 -1.88 13.09
CA ALA A 479 10.06 -1.24 13.87
C ALA A 479 9.97 0.28 13.95
N VAL A 480 9.38 0.91 12.94
CA VAL A 480 9.22 2.35 12.95
C VAL A 480 7.79 2.75 13.32
N GLY A 481 7.03 1.81 13.87
CA GLY A 481 5.66 2.10 14.35
C GLY A 481 4.52 1.86 13.37
N GLY A 482 4.83 1.32 12.18
CA GLY A 482 3.81 1.05 11.18
C GLY A 482 2.64 0.22 11.74
N GLY A 483 1.43 0.67 11.43
CA GLY A 483 0.22 0.01 11.89
C GLY A 483 -0.16 0.41 13.30
N GLN A 484 0.33 1.56 13.75
CA GLN A 484 0.07 2.09 15.07
C GLN A 484 0.72 1.24 16.17
N TYR A 485 1.93 0.75 15.91
CA TYR A 485 2.70 0.01 16.89
C TYR A 485 3.80 0.96 17.36
N ASP A 486 3.38 2.09 17.90
N ASP A 486 3.33 2.06 17.94
CA ASP A 486 4.31 3.13 18.33
CA ASP A 486 4.17 3.15 18.46
C ASP A 486 5.19 2.72 19.52
C ASP A 486 5.19 2.70 19.51
N TYR A 488 7.20 0.37 19.57
CA TYR A 488 8.52 -0.06 19.08
C TYR A 488 9.43 1.09 18.68
N ILE A 489 8.89 2.31 18.50
CA ILE A 489 9.73 3.43 18.03
C ILE A 489 10.84 3.75 19.02
N ASP A 490 12.06 3.85 18.50
CA ASP A 490 13.23 4.15 19.34
C ASP A 490 13.60 3.04 20.37
N ALA A 491 13.08 1.82 20.23
CA ALA A 491 13.51 0.73 21.13
C ALA A 491 14.93 0.37 20.70
N PRO A 492 15.81 -0.03 21.63
CA PRO A 492 17.17 -0.35 21.20
C PRO A 492 17.22 -1.48 20.17
N VAL A 493 17.99 -1.28 19.09
CA VAL A 493 18.07 -2.28 18.03
C VAL A 493 19.18 -3.27 18.37
N VAL A 494 18.79 -4.49 18.72
CA VAL A 494 19.73 -5.51 19.09
C VAL A 494 20.36 -6.13 17.86
N LYS A 495 19.61 -6.19 16.77
CA LYS A 495 20.11 -6.78 15.54
C LYS A 495 19.30 -6.33 14.31
N ASP A 496 20.02 -5.99 13.24
CA ASP A 496 19.45 -5.54 11.98
C ASP A 496 19.65 -6.70 11.00
N ILE A 497 18.56 -7.38 10.67
CA ILE A 497 18.62 -8.53 9.77
C ILE A 497 18.24 -8.08 8.37
N GLN A 498 19.25 -7.87 7.53
CA GLN A 498 19.07 -7.36 6.17
C GLN A 498 18.75 -8.48 5.16
N VAL A 499 17.73 -9.25 5.47
CA VAL A 499 17.28 -10.29 4.56
C VAL A 499 15.78 -10.06 4.44
N GLU A 500 15.25 -9.96 3.22
CA GLU A 500 13.80 -9.77 3.05
C GLU A 500 13.04 -11.08 3.37
N GLY A 501 11.78 -10.92 3.75
CA GLY A 501 10.91 -12.04 4.15
C GLY A 501 10.90 -13.25 3.24
N ALA A 502 10.75 -13.00 1.94
CA ALA A 502 10.70 -14.07 0.95
C ALA A 502 11.97 -14.91 0.99
N GLN A 503 13.12 -14.25 0.89
CA GLN A 503 14.41 -14.93 0.89
C GLN A 503 14.71 -15.63 2.22
N LEU A 504 14.24 -15.04 3.31
CA LEU A 504 14.44 -15.62 4.63
C LEU A 504 13.72 -16.98 4.66
N LEU A 505 12.51 -17.04 4.10
CA LEU A 505 11.77 -18.32 4.04
C LEU A 505 12.49 -19.29 3.10
N ILE A 506 12.89 -18.83 1.92
CA ILE A 506 13.60 -19.68 0.97
C ILE A 506 14.88 -20.27 1.62
N ASP A 507 15.67 -19.44 2.29
CA ASP A 507 16.87 -19.92 3.01
C ASP A 507 16.48 -20.97 4.05
N PHE A 508 15.41 -20.75 4.79
CA PHE A 508 15.00 -21.72 5.81
C PHE A 508 14.64 -23.06 5.18
N LEU A 509 13.85 -23.01 4.12
CA LEU A 509 13.44 -24.23 3.42
C LEU A 509 14.65 -25.00 2.91
N SER A 510 15.66 -24.28 2.43
CA SER A 510 16.88 -24.90 1.86
C SER A 510 17.76 -25.62 2.89
N ASN A 511 17.77 -25.13 4.12
CA ASN A 511 18.60 -25.70 5.17
C ASN A 511 17.91 -26.69 6.12
N ASN A 512 16.59 -26.75 6.10
CA ASN A 512 15.85 -27.67 6.96
C ASN A 512 15.09 -28.68 6.13
N ASN A 513 15.82 -29.68 5.67
CA ASN A 513 15.27 -30.73 4.83
C ASN A 513 14.12 -31.51 5.49
N LEU A 514 14.33 -31.94 6.73
CA LEU A 514 13.35 -32.77 7.46
C LEU A 514 12.12 -32.01 7.97
N ARG A 516 11.43 -30.46 10.81
CA ARG A 516 11.03 -30.78 12.18
C ARG A 516 10.85 -29.45 12.88
N ILE A 517 9.63 -28.95 12.86
CA ILE A 517 9.34 -27.64 13.39
C ILE A 517 8.69 -27.72 14.76
N PRO A 518 9.39 -27.24 15.81
CA PRO A 518 8.80 -27.26 17.14
C PRO A 518 7.66 -26.25 17.22
N GLN A 519 6.77 -26.45 18.20
CA GLN A 519 5.62 -25.57 18.34
C GLN A 519 6.02 -24.29 19.07
N VAL A 520 6.04 -23.17 18.38
CA VAL A 520 6.38 -21.89 19.01
C VAL A 520 5.19 -20.92 19.10
N VAL A 521 4.11 -21.22 18.40
CA VAL A 521 2.90 -20.40 18.42
C VAL A 521 1.91 -21.17 19.27
N ASP A 522 1.45 -20.52 20.34
CA ASP A 522 0.59 -21.14 21.33
C ASP A 522 -0.24 -20.04 21.97
N PHE A 523 -1.46 -19.89 21.50
CA PHE A 523 -2.33 -18.83 21.98
C PHE A 523 -3.76 -19.17 21.67
N LYS A 524 -4.67 -18.40 22.20
CA LYS A 524 -6.06 -18.62 21.92
C LYS A 524 -6.81 -17.33 21.99
N VAL A 525 -7.88 -17.27 21.23
CA VAL A 525 -8.71 -16.10 21.14
C VAL A 525 -10.13 -16.52 21.47
N GLU A 526 -10.76 -15.81 22.38
CA GLU A 526 -12.12 -16.10 22.78
C GLU A 526 -12.79 -14.83 23.31
N LYS A 527 -14.07 -14.89 23.62
CA LYS A 527 -14.72 -13.73 24.24
C LYS A 527 -14.04 -13.34 25.58
#